data_5GGL
#
_entry.id   5GGL
#
_cell.length_a   53.330
_cell.length_b   68.686
_cell.length_c   88.136
_cell.angle_alpha   90.00
_cell.angle_beta   90.00
_cell.angle_gamma   90.00
#
_symmetry.space_group_name_H-M   'P 2 21 21'
#
loop_
_entity.id
_entity.type
_entity.pdbx_description
1 polymer 'Protein O-linked-mannose beta-1,2-N-acetylglucosaminyltransferase 1'
2 non-polymer '4-nitrophenyl 2-acetamido-2-deoxy-alpha-D-glucopyranoside'
3 water water
#
_entity_poly.entity_id   1
_entity_poly.type   'polypeptide(L)'
_entity_poly.pdbx_seq_one_letter_code
;GPLGSGSGPRRVLDVEVYSSRSKVYVAVDGTTVLEDEAREQGRGIHVIVLNQATGHVMAKRVFDTYSPHEDEAMVLFLNM
VAPGRVLICTVKDEGSFHLKDTAKALLRSLGSQAGPALGWRDTWAFVGRKGGPVFGEKHSKSPALSSWGDPVLLKTDVPL
SSAE
;
_entity_poly.pdbx_strand_id   A,B
#
loop_
_chem_comp.id
_chem_comp.type
_chem_comp.name
_chem_comp.formula
6ZC D-saccharide '4-nitrophenyl 2-acetamido-2-deoxy-alpha-D-glucopyranoside' 'C14 H18 N2 O8'
#
# COMPACT_ATOMS: atom_id res chain seq x y z
N PRO A 9 2.27 12.40 -10.53
CA PRO A 9 1.78 12.87 -11.83
C PRO A 9 0.24 12.85 -12.02
N ARG A 10 -0.36 11.67 -12.31
CA ARG A 10 -1.77 11.56 -12.72
C ARG A 10 -2.68 11.03 -11.62
N ARG A 11 -2.74 9.71 -11.46
CA ARG A 11 -3.37 9.12 -10.28
C ARG A 11 -2.29 8.51 -9.38
N VAL A 12 -1.15 9.18 -9.30
CA VAL A 12 -0.03 8.71 -8.48
C VAL A 12 0.76 9.92 -8.02
N LEU A 13 1.37 9.81 -6.84
CA LEU A 13 2.31 10.80 -6.33
C LEU A 13 3.67 10.14 -6.27
N ASP A 14 4.69 10.86 -6.71
CA ASP A 14 6.07 10.41 -6.55
C ASP A 14 6.59 10.98 -5.24
N VAL A 15 6.81 10.16 -4.24
CA VAL A 15 7.21 10.62 -2.91
C VAL A 15 8.65 10.18 -2.64
N GLU A 16 9.45 11.09 -2.15
CA GLU A 16 10.80 10.77 -1.71
C GLU A 16 10.95 11.18 -0.26
N VAL A 17 11.55 10.29 0.53
CA VAL A 17 11.65 10.51 1.98
C VAL A 17 13.05 10.13 2.41
N TYR A 18 13.74 11.06 3.08
CA TYR A 18 15.12 10.86 3.50
C TYR A 18 15.20 10.98 5.00
N SER A 19 15.89 10.00 5.61
CA SER A 19 16.11 9.93 7.05
C SER A 19 17.61 9.75 7.30
N SER A 20 18.18 10.56 8.18
CA SER A 20 19.59 10.43 8.50
C SER A 20 19.91 11.12 9.82
N ARG A 21 21.17 10.97 10.23
CA ARG A 21 21.64 11.58 11.45
C ARG A 21 21.38 13.08 11.46
N SER A 22 21.70 13.76 10.36
CA SER A 22 21.78 15.22 10.36
C SER A 22 20.72 15.88 9.51
N LYS A 23 19.89 15.11 8.79
CA LYS A 23 19.00 15.74 7.81
C LYS A 23 17.79 14.86 7.54
N VAL A 24 16.64 15.50 7.42
CA VAL A 24 15.48 14.85 6.82
C VAL A 24 14.95 15.71 5.69
N TYR A 25 14.32 15.04 4.72
CA TYR A 25 13.58 15.76 3.72
C TYR A 25 12.49 14.88 3.18
N VAL A 26 11.43 15.53 2.70
CA VAL A 26 10.34 14.86 1.98
C VAL A 26 10.05 15.68 0.74
N ALA A 27 9.95 15.00 -0.40
CA ALA A 27 9.52 15.65 -1.63
C ALA A 27 8.30 14.93 -2.17
N VAL A 28 7.38 15.69 -2.74
CA VAL A 28 6.13 15.15 -3.29
C VAL A 28 6.02 15.69 -4.71
N ASP A 29 6.05 14.81 -5.70
CA ASP A 29 6.00 15.20 -7.12
C ASP A 29 7.07 16.22 -7.45
N GLY A 30 8.27 16.02 -6.89
CA GLY A 30 9.39 16.87 -7.25
C GLY A 30 9.42 18.19 -6.54
N THR A 31 8.60 18.37 -5.52
CA THR A 31 8.61 19.58 -4.74
C THR A 31 8.98 19.23 -3.31
N THR A 32 9.94 19.95 -2.74
CA THR A 32 10.35 19.70 -1.37
C THR A 32 9.33 20.28 -0.41
N VAL A 33 8.67 19.42 0.39
CA VAL A 33 7.70 19.88 1.35
C VAL A 33 8.24 19.91 2.76
N LEU A 34 9.40 19.29 3.01
CA LEU A 34 10.03 19.28 4.33
C LEU A 34 11.51 19.21 4.03
N GLU A 35 12.29 20.08 4.66
CA GLU A 35 13.75 19.94 4.55
C GLU A 35 14.33 20.52 5.82
N ASP A 36 14.98 19.68 6.63
CA ASP A 36 15.54 20.13 7.91
C ASP A 36 16.93 19.57 8.03
N GLU A 37 17.92 20.45 7.84
CA GLU A 37 19.35 20.11 7.91
C GLU A 37 20.03 20.90 9.02
N ALA A 38 19.26 21.53 9.88
CA ALA A 38 19.83 22.43 10.87
C ALA A 38 20.48 21.63 11.99
N ARG A 39 21.62 22.14 12.49
CA ARG A 39 22.27 21.51 13.62
C ARG A 39 21.47 21.76 14.89
N GLU A 40 21.29 20.72 15.70
CA GLU A 40 20.68 20.84 17.02
C GLU A 40 19.21 21.29 17.00
N GLN A 41 18.49 21.08 15.90
CA GLN A 41 17.06 21.33 15.83
C GLN A 41 16.42 20.16 15.11
N GLY A 42 15.11 19.97 15.32
CA GLY A 42 14.36 19.01 14.52
C GLY A 42 14.64 17.55 14.83
N ARG A 43 15.20 17.22 15.98
CA ARG A 43 15.38 15.82 16.34
C ARG A 43 14.05 15.11 16.46
N GLY A 44 14.02 13.85 16.03
CA GLY A 44 12.90 12.98 16.32
C GLY A 44 12.20 12.51 15.06
N ILE A 45 10.91 12.24 15.20
CA ILE A 45 10.10 11.72 14.11
C ILE A 45 9.32 12.88 13.50
N HIS A 46 9.61 13.12 12.23
CA HIS A 46 8.85 14.08 11.43
C HIS A 46 7.68 13.35 10.80
N VAL A 47 6.51 13.97 10.86
CA VAL A 47 5.29 13.37 10.34
C VAL A 47 4.65 14.37 9.40
N ILE A 48 4.35 13.92 8.19
CA ILE A 48 3.67 14.73 7.16
C ILE A 48 2.42 13.96 6.78
N VAL A 49 1.29 14.66 6.70
CA VAL A 49 0.02 14.07 6.30
C VAL A 49 -0.38 14.71 4.99
N LEU A 50 -0.69 13.91 3.97
CA LEU A 50 -1.10 14.44 2.68
C LEU A 50 -2.54 14.06 2.39
N ASN A 51 -3.21 14.96 1.67
CA ASN A 51 -4.51 14.64 1.09
C ASN A 51 -4.34 13.56 0.04
N GLN A 52 -5.19 12.53 0.12
CA GLN A 52 -5.00 11.31 -0.67
C GLN A 52 -5.48 11.42 -2.11
N ALA A 53 -6.15 12.52 -2.49
CA ALA A 53 -6.53 12.81 -3.89
C ALA A 53 -5.61 13.81 -4.57
N THR A 54 -5.07 14.80 -3.84
CA THR A 54 -4.28 15.87 -4.43
C THR A 54 -2.82 15.85 -4.05
N GLY A 55 -2.46 15.17 -2.95
CA GLY A 55 -1.10 15.29 -2.43
C GLY A 55 -0.81 16.56 -1.67
N HIS A 56 -1.78 17.45 -1.48
CA HIS A 56 -1.52 18.64 -0.70
C HIS A 56 -1.17 18.26 0.75
N VAL A 57 -0.27 19.03 1.37
CA VAL A 57 0.12 18.79 2.76
C VAL A 57 -0.95 19.29 3.69
N MET A 58 -1.55 18.39 4.47
CA MET A 58 -2.56 18.71 5.46
C MET A 58 -1.97 19.06 6.83
N ALA A 59 -0.82 18.48 7.16
CA ALA A 59 -0.19 18.70 8.45
C ALA A 59 1.27 18.35 8.34
N LYS A 60 2.06 19.04 9.15
CA LYS A 60 3.47 18.78 9.23
C LYS A 60 3.87 18.96 10.68
N ARG A 61 4.42 17.93 11.30
CA ARG A 61 4.78 17.94 12.70
C ARG A 61 6.15 17.34 12.88
N VAL A 62 6.76 17.67 14.01
CA VAL A 62 7.92 16.92 14.50
C VAL A 62 7.72 16.58 15.96
N PHE A 63 7.95 15.32 16.31
CA PHE A 63 7.85 14.84 17.68
C PHE A 63 9.23 14.41 18.11
N ASP A 64 9.77 15.08 19.12
CA ASP A 64 11.13 14.75 19.58
C ASP A 64 11.07 13.55 20.51
N THR A 65 10.92 12.37 19.90
CA THR A 65 10.72 11.13 20.66
C THR A 65 12.01 10.60 21.28
N TYR A 66 13.11 11.34 21.18
CA TYR A 66 14.24 11.14 22.09
C TYR A 66 13.92 11.64 23.49
N SER A 67 12.89 12.47 23.66
CA SER A 67 12.55 13.13 24.93
C SER A 67 11.21 12.63 25.43
N PRO A 68 10.98 12.59 26.74
CA PRO A 68 9.68 12.10 27.25
C PRO A 68 8.51 12.95 26.79
N HIS A 69 7.36 12.31 26.70
CA HIS A 69 6.06 12.90 26.43
C HIS A 69 5.78 13.18 24.97
N GLU A 70 6.80 13.23 24.14
CA GLU A 70 6.55 13.55 22.74
C GLU A 70 5.87 12.40 22.01
N ASP A 71 6.12 11.14 22.40
CA ASP A 71 5.42 10.02 21.79
C ASP A 71 3.94 10.04 22.13
N GLU A 72 3.60 10.56 23.31
CA GLU A 72 2.18 10.68 23.69
C GLU A 72 1.50 11.70 22.80
N ALA A 73 2.17 12.82 22.56
CA ALA A 73 1.65 13.82 21.64
C ALA A 73 1.52 13.24 20.22
N MET A 74 2.48 12.42 19.82
CA MET A 74 2.39 11.81 18.51
C MET A 74 1.18 10.89 18.39
N VAL A 75 0.92 10.09 19.43
CA VAL A 75 -0.23 9.20 19.44
C VAL A 75 -1.53 9.98 19.35
N LEU A 76 -1.65 11.04 20.15
CA LEU A 76 -2.86 11.84 20.10
C LEU A 76 -3.05 12.45 18.73
N PHE A 77 -1.97 12.93 18.11
CA PHE A 77 -2.06 13.53 16.79
C PHE A 77 -2.47 12.47 15.75
N LEU A 78 -1.76 11.35 15.71
CA LEU A 78 -2.03 10.32 14.71
C LEU A 78 -3.44 9.78 14.85
N ASN A 79 -3.94 9.64 16.09
CA ASN A 79 -5.30 9.14 16.22
C ASN A 79 -6.35 10.07 15.64
N MET A 80 -6.04 11.34 15.44
CA MET A 80 -6.99 12.25 14.82
C MET A 80 -6.89 12.29 13.30
N VAL A 81 -5.85 11.68 12.71
CA VAL A 81 -5.69 11.66 11.26
C VAL A 81 -6.73 10.71 10.64
N ALA A 82 -7.37 11.14 9.55
CA ALA A 82 -8.38 10.28 8.89
C ALA A 82 -7.75 9.04 8.26
N PRO A 83 -8.47 7.90 8.23
CA PRO A 83 -7.86 6.66 7.69
C PRO A 83 -7.37 6.77 6.25
N GLY A 84 -7.99 7.59 5.46
CA GLY A 84 -7.53 7.59 4.06
C GLY A 84 -6.30 8.45 3.77
N ARG A 85 -5.81 9.23 4.74
CA ARG A 85 -4.71 10.13 4.43
C ARG A 85 -3.44 9.37 4.12
N VAL A 86 -2.56 10.00 3.35
CA VAL A 86 -1.21 9.49 3.21
C VAL A 86 -0.38 9.97 4.39
N LEU A 87 0.27 9.05 5.07
CA LEU A 87 1.11 9.33 6.22
C LEU A 87 2.57 9.08 5.87
N ILE A 88 3.41 10.06 6.14
CA ILE A 88 4.85 9.98 5.93
C ILE A 88 5.57 10.22 7.25
N CYS A 89 6.50 9.34 7.58
CA CYS A 89 7.34 9.55 8.76
C CYS A 89 8.80 9.45 8.38
N THR A 90 9.64 10.26 9.03
CA THR A 90 11.08 10.18 8.82
C THR A 90 11.81 10.61 10.08
N VAL A 91 12.88 9.91 10.45
CA VAL A 91 13.65 10.20 11.65
C VAL A 91 14.83 11.11 11.35
N LYS A 92 15.03 12.10 12.19
CA LYS A 92 16.28 12.87 12.22
C LYS A 92 16.98 12.58 13.54
N ASP A 93 18.21 12.10 13.45
CA ASP A 93 19.10 11.89 14.60
C ASP A 93 18.69 10.69 15.47
N GLU A 94 17.68 10.86 16.31
CA GLU A 94 17.32 9.77 17.23
C GLU A 94 15.83 9.89 17.50
N GLY A 95 15.09 8.80 17.29
CA GLY A 95 13.65 8.89 17.50
C GLY A 95 13.10 7.79 18.41
N SER A 96 13.96 7.01 19.06
CA SER A 96 13.54 5.78 19.73
C SER A 96 13.57 5.84 21.25
N PHE A 97 14.39 6.70 21.87
CA PHE A 97 14.65 6.54 23.30
C PHE A 97 13.35 6.57 24.08
N HIS A 98 12.47 7.52 23.75
CA HIS A 98 11.16 7.64 24.39
C HIS A 98 10.03 7.34 23.42
N LEU A 99 10.25 6.43 22.47
CA LEU A 99 9.16 5.88 21.67
C LEU A 99 8.63 4.66 22.39
N LYS A 100 7.60 4.85 23.17
CA LYS A 100 7.20 3.82 24.12
C LYS A 100 6.11 2.94 23.54
N ASP A 101 5.56 2.06 24.37
CA ASP A 101 4.79 0.93 23.85
C ASP A 101 3.50 1.34 23.14
N THR A 102 2.79 2.35 23.64
CA THR A 102 1.55 2.75 22.97
C THR A 102 1.83 3.30 21.57
N ALA A 103 2.90 4.09 21.42
CA ALA A 103 3.26 4.62 20.11
C ALA A 103 3.71 3.51 19.19
N LYS A 104 4.52 2.59 19.71
CA LYS A 104 4.93 1.46 18.87
C LYS A 104 3.75 0.62 18.42
N ALA A 105 2.79 0.39 19.30
CA ALA A 105 1.60 -0.38 18.93
C ALA A 105 0.81 0.36 17.86
N LEU A 106 0.75 1.68 17.93
CA LEU A 106 0.05 2.47 16.92
C LEU A 106 0.75 2.35 15.58
N LEU A 107 2.08 2.45 15.56
CA LEU A 107 2.79 2.27 14.30
C LEU A 107 2.61 0.87 13.76
N ARG A 108 2.60 -0.15 14.63
CA ARG A 108 2.33 -1.51 14.19
C ARG A 108 0.97 -1.61 13.53
N SER A 109 -0.04 -0.94 14.09
CA SER A 109 -1.39 -1.03 13.56
C SER A 109 -1.50 -0.38 12.18
N LEU A 110 -0.59 0.52 11.83
CA LEU A 110 -0.52 1.10 10.49
C LEU A 110 0.14 0.18 9.50
N GLY A 111 0.72 -0.90 9.96
CA GLY A 111 1.41 -1.83 9.13
C GLY A 111 2.90 -1.59 9.08
N SER A 112 3.42 -0.61 9.85
CA SER A 112 4.85 -0.36 9.81
C SER A 112 5.59 -1.56 10.39
N GLN A 113 6.63 -1.99 9.70
CA GLN A 113 7.45 -3.08 10.19
C GLN A 113 8.63 -2.60 11.01
N ALA A 114 9.17 -1.46 10.65
CA ALA A 114 10.35 -0.94 11.33
C ALA A 114 10.01 -0.02 12.48
N GLY A 115 8.92 0.75 12.38
CA GLY A 115 8.55 1.68 13.42
C GLY A 115 8.42 1.04 14.78
N PRO A 116 7.71 -0.08 14.88
CA PRO A 116 7.56 -0.73 16.19
C PRO A 116 8.84 -1.28 16.73
N ALA A 117 9.85 -1.45 15.89
CA ALA A 117 11.16 -1.98 16.27
C ALA A 117 12.24 -0.90 16.34
N LEU A 118 11.87 0.37 16.19
CA LEU A 118 12.88 1.42 16.04
C LEU A 118 13.79 1.43 17.25
N GLY A 119 15.09 1.46 16.98
CA GLY A 119 16.09 1.45 18.00
C GLY A 119 17.01 2.66 17.92
N TRP A 120 18.00 2.61 18.81
CA TRP A 120 18.86 3.76 19.09
C TRP A 120 19.55 4.26 17.84
N ARG A 121 19.26 5.53 17.47
CA ARG A 121 19.91 6.20 16.32
C ARG A 121 19.66 5.47 14.99
N ASP A 122 18.64 4.61 14.92
CA ASP A 122 18.23 4.05 13.65
C ASP A 122 17.63 5.12 12.76
N THR A 123 17.83 4.95 11.44
CA THR A 123 17.14 5.79 10.46
C THR A 123 15.93 5.02 9.94
N TRP A 124 14.90 5.77 9.56
CA TRP A 124 13.61 5.18 9.24
C TRP A 124 12.86 6.16 8.36
N ALA A 125 12.35 5.67 7.24
CA ALA A 125 11.46 6.38 6.32
C ALA A 125 10.25 5.52 6.03
N PHE A 126 9.08 6.12 6.07
CA PHE A 126 7.83 5.38 5.95
C PHE A 126 6.82 6.19 5.16
N VAL A 127 6.11 5.52 4.25
CA VAL A 127 5.01 6.13 3.53
C VAL A 127 3.88 5.10 3.50
N GLY A 128 2.70 5.45 3.97
CA GLY A 128 1.60 4.51 3.96
C GLY A 128 0.26 5.21 4.04
N ARG A 129 -0.81 4.49 3.70
CA ARG A 129 -2.15 5.02 3.97
C ARG A 129 -2.46 4.83 5.45
N LYS A 130 -3.10 5.82 6.10
CA LYS A 130 -3.29 5.71 7.54
C LYS A 130 -4.03 4.44 7.90
N GLY A 131 -5.07 4.10 7.15
CA GLY A 131 -5.76 2.84 7.39
C GLY A 131 -5.20 1.61 6.67
N GLY A 132 -3.97 1.68 6.15
CA GLY A 132 -3.31 0.57 5.47
C GLY A 132 -3.66 0.62 4.01
N PRO A 133 -2.83 0.06 3.15
CA PRO A 133 -1.55 -0.60 3.39
C PRO A 133 -0.38 0.38 3.43
N VAL A 134 0.79 -0.17 3.80
CA VAL A 134 2.05 0.56 3.67
C VAL A 134 2.45 0.58 2.20
N PHE A 135 2.93 1.72 1.74
CA PHE A 135 3.38 1.86 0.37
C PHE A 135 4.87 1.72 0.23
N GLY A 136 5.64 2.18 1.22
CA GLY A 136 7.08 2.01 1.19
C GLY A 136 7.64 2.20 2.57
N GLU A 137 8.77 1.54 2.85
CA GLU A 137 9.42 1.70 4.14
C GLU A 137 10.87 1.28 4.00
N LYS A 138 11.73 2.04 4.66
CA LYS A 138 13.15 1.71 4.72
C LYS A 138 13.64 1.95 6.13
N HIS A 139 14.65 1.19 6.51
CA HIS A 139 15.16 1.25 7.89
C HIS A 139 16.62 0.86 7.89
N SER A 140 17.44 1.57 8.64
CA SER A 140 18.80 1.15 8.86
C SER A 140 19.10 1.16 10.33
N LYS A 141 19.60 0.03 10.83
CA LYS A 141 19.93 -0.09 12.24
C LYS A 141 21.28 0.55 12.50
N SER A 142 21.40 1.31 13.57
CA SER A 142 22.71 1.81 13.97
C SER A 142 23.60 0.64 14.37
N PRO A 143 24.86 0.60 13.91
CA PRO A 143 25.76 -0.50 14.23
C PRO A 143 26.47 -0.38 15.57
N ALA A 144 26.39 0.75 16.26
CA ALA A 144 27.11 0.93 17.51
C ALA A 144 26.49 2.11 18.24
N LEU A 145 26.66 2.16 19.57
CA LEU A 145 26.05 3.24 20.33
C LEU A 145 26.54 4.61 19.89
N SER A 146 27.77 4.68 19.40
CA SER A 146 28.34 5.94 18.96
C SER A 146 28.06 6.24 17.50
N SER A 147 27.33 5.37 16.80
CA SER A 147 27.06 5.53 15.39
C SER A 147 25.58 5.75 15.15
N TRP A 148 25.26 6.08 13.91
CA TRP A 148 23.89 6.20 13.43
C TRP A 148 23.60 5.17 12.36
N GLY A 149 22.32 4.86 12.14
CA GLY A 149 21.97 4.11 10.95
C GLY A 149 22.43 4.82 9.67
N ASP A 150 22.58 4.07 8.60
CA ASP A 150 22.99 4.65 7.32
C ASP A 150 21.86 5.58 6.86
N PRO A 151 22.16 6.67 6.17
CA PRO A 151 21.08 7.46 5.58
C PRO A 151 20.22 6.58 4.67
N VAL A 152 18.90 6.77 4.74
CA VAL A 152 17.99 6.04 3.89
C VAL A 152 17.20 7.02 3.04
N LEU A 153 17.12 6.72 1.76
CA LEU A 153 16.32 7.49 0.81
C LEU A 153 15.29 6.55 0.22
N LEU A 154 14.04 6.74 0.62
CA LEU A 154 12.94 5.92 0.15
C LEU A 154 12.23 6.67 -0.99
N LYS A 155 12.04 5.98 -2.11
CA LYS A 155 11.32 6.54 -3.25
C LYS A 155 10.13 5.64 -3.52
N THR A 156 8.93 6.21 -3.41
CA THR A 156 7.71 5.40 -3.45
C THR A 156 6.70 6.09 -4.34
N ASP A 157 6.01 5.28 -5.16
CA ASP A 157 4.86 5.76 -5.92
C ASP A 157 3.64 5.52 -5.05
N VAL A 158 2.85 6.56 -4.79
CA VAL A 158 1.72 6.49 -3.89
C VAL A 158 0.46 6.61 -4.74
N PRO A 159 -0.49 5.66 -4.67
CA PRO A 159 -1.74 5.79 -5.45
C PRO A 159 -2.56 6.96 -4.94
N LEU A 160 -3.23 7.66 -5.85
CA LEU A 160 -4.15 8.74 -5.49
C LEU A 160 -5.57 8.26 -5.66
N SER A 161 -6.46 8.75 -4.80
CA SER A 161 -7.89 8.43 -4.89
C SER A 161 -8.55 9.34 -5.91
N SER A 162 -9.74 8.93 -6.38
CA SER A 162 -10.46 9.73 -7.37
C SER A 162 -11.96 9.46 -7.26
N ALA A 163 -12.70 9.95 -8.26
CA ALA A 163 -14.16 9.77 -8.44
C ALA A 163 -14.97 10.79 -7.65
N VAL B 12 -22.57 -4.31 5.83
CA VAL B 12 -21.65 -3.84 4.75
C VAL B 12 -20.15 -4.08 5.01
N LEU B 13 -19.46 -4.70 4.06
CA LEU B 13 -18.01 -4.96 4.16
C LEU B 13 -17.24 -3.78 3.57
N ASP B 14 -16.16 -3.41 4.24
CA ASP B 14 -15.21 -2.45 3.69
C ASP B 14 -14.09 -3.26 3.05
N VAL B 15 -13.93 -3.16 1.75
CA VAL B 15 -12.94 -3.98 1.04
C VAL B 15 -11.90 -3.05 0.43
N GLU B 16 -10.63 -3.34 0.69
CA GLU B 16 -9.54 -2.54 0.15
C GLU B 16 -8.64 -3.47 -0.67
N VAL B 17 -8.28 -3.05 -1.89
CA VAL B 17 -7.55 -3.91 -2.83
C VAL B 17 -6.43 -3.09 -3.43
N TYR B 18 -5.18 -3.57 -3.30
CA TYR B 18 -4.02 -2.89 -3.84
C TYR B 18 -3.34 -3.77 -4.86
N SER B 19 -3.05 -3.19 -6.02
CA SER B 19 -2.33 -3.85 -7.10
C SER B 19 -1.11 -2.99 -7.46
N SER B 20 0.05 -3.62 -7.60
CA SER B 20 1.25 -2.87 -7.95
C SER B 20 2.31 -3.81 -8.49
N ARG B 21 3.41 -3.22 -8.95
CA ARG B 21 4.55 -3.98 -9.43
C ARG B 21 5.02 -5.04 -8.44
N SER B 22 5.16 -4.66 -7.16
CA SER B 22 5.89 -5.44 -6.18
C SER B 22 5.01 -5.98 -5.07
N LYS B 23 3.73 -5.62 -5.01
CA LYS B 23 2.94 -5.98 -3.85
C LYS B 23 1.47 -6.04 -4.22
N VAL B 24 0.78 -7.05 -3.69
CA VAL B 24 -0.67 -7.05 -3.66
C VAL B 24 -1.13 -7.11 -2.21
N TYR B 25 -2.27 -6.53 -1.94
CA TYR B 25 -2.81 -6.50 -0.58
C TYR B 25 -4.33 -6.42 -0.68
N VAL B 26 -5.01 -7.19 0.17
CA VAL B 26 -6.46 -7.10 0.23
C VAL B 26 -6.82 -7.15 1.71
N ALA B 27 -7.69 -6.26 2.14
CA ALA B 27 -8.23 -6.28 3.49
C ALA B 27 -9.74 -6.24 3.42
N VAL B 28 -10.39 -6.94 4.34
CA VAL B 28 -11.84 -6.96 4.44
C VAL B 28 -12.17 -6.60 5.88
N ASP B 29 -12.88 -5.49 6.06
CA ASP B 29 -13.23 -4.99 7.40
C ASP B 29 -11.99 -4.79 8.25
N GLY B 30 -10.90 -4.33 7.63
CA GLY B 30 -9.67 -4.02 8.33
C GLY B 30 -8.82 -5.21 8.69
N THR B 31 -9.21 -6.41 8.28
CA THR B 31 -8.38 -7.58 8.47
C THR B 31 -7.71 -7.92 7.15
N THR B 32 -6.40 -8.02 7.15
CA THR B 32 -5.69 -8.40 5.95
C THR B 32 -5.99 -9.84 5.60
N VAL B 33 -6.45 -10.07 4.38
CA VAL B 33 -6.72 -11.42 3.91
C VAL B 33 -5.73 -11.83 2.85
N LEU B 34 -4.98 -10.89 2.28
CA LEU B 34 -3.91 -11.21 1.33
C LEU B 34 -2.84 -10.14 1.48
N GLU B 35 -1.60 -10.56 1.62
CA GLU B 35 -0.53 -9.59 1.45
C GLU B 35 0.63 -10.37 0.88
N ASP B 36 1.09 -10.01 -0.31
CA ASP B 36 2.18 -10.74 -0.94
C ASP B 36 3.12 -9.69 -1.50
N GLU B 37 4.27 -9.51 -0.83
CA GLU B 37 5.33 -8.65 -1.31
C GLU B 37 6.64 -9.42 -1.44
N ALA B 38 6.54 -10.73 -1.63
CA ALA B 38 7.71 -11.61 -1.69
C ALA B 38 8.39 -11.45 -3.05
N ARG B 39 9.72 -11.39 -3.05
CA ARG B 39 10.45 -11.26 -4.32
C ARG B 39 10.35 -12.56 -5.12
N GLU B 40 10.16 -12.42 -6.43
CA GLU B 40 10.15 -13.57 -7.35
C GLU B 40 9.10 -14.62 -6.97
N GLN B 41 8.00 -14.21 -6.36
CA GLN B 41 6.90 -15.12 -6.04
C GLN B 41 5.59 -14.36 -6.24
N GLY B 42 4.51 -15.10 -6.52
CA GLY B 42 3.20 -14.49 -6.50
C GLY B 42 2.88 -13.64 -7.70
N ARG B 43 3.62 -13.74 -8.79
CA ARG B 43 3.30 -12.99 -10.00
C ARG B 43 1.95 -13.44 -10.55
N GLY B 44 1.14 -12.48 -11.00
CA GLY B 44 -0.01 -12.75 -11.83
C GLY B 44 -1.28 -12.23 -11.18
N ILE B 45 -2.39 -12.92 -11.46
CA ILE B 45 -3.70 -12.49 -11.01
C ILE B 45 -4.06 -13.25 -9.75
N HIS B 46 -4.20 -12.54 -8.64
CA HIS B 46 -4.67 -13.10 -7.39
C HIS B 46 -6.18 -13.00 -7.37
N VAL B 47 -6.82 -14.08 -6.98
CA VAL B 47 -8.26 -14.16 -6.96
C VAL B 47 -8.69 -14.61 -5.58
N ILE B 48 -9.61 -13.86 -4.97
CA ILE B 48 -10.18 -14.20 -3.67
C ILE B 48 -11.69 -14.31 -3.84
N VAL B 49 -12.28 -15.39 -3.33
CA VAL B 49 -13.73 -15.55 -3.38
C VAL B 49 -14.25 -15.41 -1.95
N LEU B 50 -15.19 -14.50 -1.75
CA LEU B 50 -15.82 -14.35 -0.45
C LEU B 50 -17.24 -14.91 -0.47
N ASN B 51 -17.64 -15.47 0.66
CA ASN B 51 -19.03 -15.77 0.88
C ASN B 51 -19.79 -14.44 0.99
N GLN B 52 -20.87 -14.33 0.24
CA GLN B 52 -21.57 -13.06 0.13
C GLN B 52 -22.40 -12.72 1.36
N ALA B 53 -22.68 -13.70 2.21
CA ALA B 53 -23.46 -13.47 3.43
C ALA B 53 -22.59 -13.08 4.62
N THR B 54 -21.38 -13.64 4.70
CA THR B 54 -20.53 -13.45 5.86
C THR B 54 -19.32 -12.58 5.58
N GLY B 55 -18.88 -12.48 4.33
CA GLY B 55 -17.65 -11.81 4.00
C GLY B 55 -16.42 -12.66 4.23
N HIS B 56 -16.57 -13.90 4.66
CA HIS B 56 -15.40 -14.73 4.91
C HIS B 56 -14.83 -15.29 3.62
N VAL B 57 -13.49 -15.38 3.58
CA VAL B 57 -12.84 -15.95 2.42
C VAL B 57 -13.17 -17.42 2.29
N MET B 58 -13.67 -17.81 1.12
CA MET B 58 -13.85 -19.21 0.78
C MET B 58 -12.58 -19.77 0.18
N ALA B 59 -11.93 -19.05 -0.75
CA ALA B 59 -10.72 -19.52 -1.38
C ALA B 59 -9.89 -18.34 -1.84
N LYS B 60 -8.59 -18.55 -1.87
CA LYS B 60 -7.63 -17.58 -2.37
C LYS B 60 -6.70 -18.33 -3.30
N ARG B 61 -6.42 -17.78 -4.47
CA ARG B 61 -5.58 -18.41 -5.46
C ARG B 61 -4.73 -17.34 -6.14
N VAL B 62 -3.67 -17.80 -6.78
CA VAL B 62 -2.92 -16.93 -7.68
C VAL B 62 -2.66 -17.70 -8.97
N PHE B 63 -2.84 -17.00 -10.08
CA PHE B 63 -2.64 -17.60 -11.41
C PHE B 63 -1.59 -16.78 -12.14
N ASP B 64 -0.47 -17.42 -12.50
CA ASP B 64 0.63 -16.71 -13.14
C ASP B 64 0.37 -16.59 -14.63
N THR B 65 -0.61 -15.73 -14.97
CA THR B 65 -1.07 -15.60 -16.36
C THR B 65 -0.09 -14.85 -17.24
N TYR B 66 1.03 -14.34 -16.69
CA TYR B 66 2.18 -13.99 -17.52
C TYR B 66 2.72 -15.21 -18.27
N SER B 67 2.60 -16.42 -17.67
CA SER B 67 3.18 -17.63 -18.22
C SER B 67 2.14 -18.45 -18.99
N PRO B 68 2.58 -19.19 -20.01
CA PRO B 68 1.63 -19.95 -20.81
C PRO B 68 0.77 -20.94 -20.00
N HIS B 69 -0.52 -20.97 -20.30
CA HIS B 69 -1.49 -21.97 -19.88
C HIS B 69 -2.04 -21.77 -18.48
N GLU B 70 -1.44 -20.90 -17.67
CA GLU B 70 -2.00 -20.70 -16.33
C GLU B 70 -3.38 -20.10 -16.37
N ASP B 71 -3.72 -19.38 -17.45
CA ASP B 71 -5.07 -18.86 -17.59
C ASP B 71 -6.12 -19.96 -17.61
N GLU B 72 -5.77 -21.13 -18.13
CA GLU B 72 -6.76 -22.20 -18.20
C GLU B 72 -7.15 -22.68 -16.83
N ALA B 73 -6.19 -22.71 -15.88
CA ALA B 73 -6.53 -23.04 -14.49
C ALA B 73 -7.42 -21.95 -13.90
N MET B 74 -7.15 -20.68 -14.25
CA MET B 74 -7.97 -19.60 -13.73
C MET B 74 -9.39 -19.71 -14.24
N VAL B 75 -9.57 -20.07 -15.52
CA VAL B 75 -10.89 -20.23 -16.10
C VAL B 75 -11.65 -21.33 -15.35
N LEU B 76 -10.99 -22.47 -15.12
CA LEU B 76 -11.65 -23.56 -14.40
C LEU B 76 -12.12 -23.10 -13.02
N PHE B 77 -11.25 -22.37 -12.29
CA PHE B 77 -11.59 -21.94 -10.96
C PHE B 77 -12.74 -20.94 -10.99
N LEU B 78 -12.65 -19.93 -11.87
CA LEU B 78 -13.69 -18.90 -11.93
C LEU B 78 -15.03 -19.51 -12.33
N ASN B 79 -15.03 -20.51 -13.22
CA ASN B 79 -16.29 -21.15 -13.61
C ASN B 79 -16.94 -21.93 -12.49
N MET B 80 -16.18 -22.32 -11.46
CA MET B 80 -16.78 -22.97 -10.30
C MET B 80 -17.38 -21.98 -9.29
N VAL B 81 -17.10 -20.69 -9.44
CA VAL B 81 -17.64 -19.74 -8.49
C VAL B 81 -19.15 -19.68 -8.66
N ALA B 82 -19.89 -19.75 -7.56
CA ALA B 82 -21.32 -19.71 -7.65
C ALA B 82 -21.79 -18.30 -7.98
N PRO B 83 -22.87 -18.17 -8.76
CA PRO B 83 -23.51 -16.85 -8.88
C PRO B 83 -23.78 -16.32 -7.49
N GLY B 84 -23.48 -15.05 -7.28
CA GLY B 84 -23.71 -14.39 -6.02
C GLY B 84 -22.48 -14.25 -5.14
N ARG B 85 -21.41 -15.01 -5.40
CA ARG B 85 -20.21 -14.83 -4.58
C ARG B 85 -19.59 -13.48 -4.88
N VAL B 86 -18.83 -12.96 -3.94
CA VAL B 86 -18.04 -11.75 -4.19
C VAL B 86 -16.63 -12.14 -4.63
N LEU B 87 -16.22 -11.64 -5.77
CA LEU B 87 -14.91 -11.90 -6.33
C LEU B 87 -14.01 -10.68 -6.19
N ILE B 88 -12.77 -10.92 -5.78
CA ILE B 88 -11.74 -9.90 -5.75
C ILE B 88 -10.58 -10.37 -6.62
N CYS B 89 -10.12 -9.51 -7.52
CA CYS B 89 -8.91 -9.81 -8.29
C CYS B 89 -7.92 -8.67 -8.15
N THR B 90 -6.64 -9.03 -8.14
CA THR B 90 -5.60 -8.00 -8.05
C THR B 90 -4.34 -8.54 -8.70
N VAL B 91 -3.66 -7.72 -9.48
CA VAL B 91 -2.45 -8.12 -10.19
C VAL B 91 -1.20 -7.77 -9.40
N LYS B 92 -0.28 -8.72 -9.33
CA LYS B 92 1.10 -8.48 -8.89
C LYS B 92 2.02 -8.59 -10.09
N ASP B 93 2.76 -7.52 -10.39
CA ASP B 93 3.79 -7.48 -11.44
C ASP B 93 3.21 -7.53 -12.86
N GLU B 94 2.69 -8.67 -13.29
CA GLU B 94 2.29 -8.82 -14.68
C GLU B 94 1.25 -9.92 -14.76
N GLY B 95 0.09 -9.63 -15.33
CA GLY B 95 -0.96 -10.65 -15.44
C GLY B 95 -1.50 -10.85 -16.83
N SER B 96 -0.97 -10.18 -17.84
CA SER B 96 -1.61 -10.18 -19.16
C SER B 96 -0.90 -11.07 -20.17
N PHE B 97 0.37 -11.42 -19.97
CA PHE B 97 1.18 -11.71 -21.14
C PHE B 97 0.66 -12.93 -21.89
N HIS B 98 0.25 -13.96 -21.16
CA HIS B 98 -0.35 -15.14 -21.79
C HIS B 98 -1.78 -15.31 -21.33
N LEU B 99 -2.48 -14.19 -21.10
CA LEU B 99 -3.88 -14.22 -20.71
C LEU B 99 -4.72 -14.25 -22.00
N LYS B 100 -5.21 -15.43 -22.39
CA LYS B 100 -5.81 -15.60 -23.70
C LYS B 100 -7.26 -15.10 -23.74
N ASP B 101 -7.81 -15.13 -24.95
CA ASP B 101 -9.13 -14.59 -25.23
C ASP B 101 -10.21 -15.25 -24.39
N THR B 102 -10.15 -16.57 -24.19
CA THR B 102 -11.19 -17.23 -23.41
C THR B 102 -11.22 -16.66 -21.99
N ALA B 103 -10.05 -16.52 -21.38
CA ALA B 103 -9.99 -15.97 -20.03
C ALA B 103 -10.41 -14.51 -19.99
N LYS B 104 -10.01 -13.72 -21.00
CA LYS B 104 -10.41 -12.33 -21.02
C LYS B 104 -11.91 -12.17 -21.18
N ALA B 105 -12.55 -13.04 -21.99
CA ALA B 105 -13.99 -12.96 -22.15
C ALA B 105 -14.67 -13.37 -20.85
N LEU B 106 -14.08 -14.32 -20.11
CA LEU B 106 -14.66 -14.71 -18.82
C LEU B 106 -14.54 -13.56 -17.82
N LEU B 107 -13.38 -12.87 -17.79
CA LEU B 107 -13.28 -11.73 -16.89
C LEU B 107 -14.30 -10.65 -17.27
N ARG B 108 -14.50 -10.45 -18.57
CA ARG B 108 -15.54 -9.52 -19.02
C ARG B 108 -16.92 -9.96 -18.52
N SER B 109 -17.23 -11.25 -18.60
CA SER B 109 -18.55 -11.71 -18.17
C SER B 109 -18.77 -11.47 -16.69
N LEU B 110 -17.70 -11.43 -15.90
CA LEU B 110 -17.79 -11.19 -14.49
C LEU B 110 -17.97 -9.70 -14.18
N GLY B 111 -17.92 -8.85 -15.20
CA GLY B 111 -18.15 -7.42 -15.12
C GLY B 111 -16.94 -6.56 -15.32
N SER B 112 -15.78 -7.11 -15.52
CA SER B 112 -14.57 -6.30 -15.55
C SER B 112 -14.46 -5.55 -16.86
N GLN B 113 -14.10 -4.28 -16.74
CA GLN B 113 -13.69 -3.48 -17.88
C GLN B 113 -12.22 -3.64 -18.20
N ALA B 114 -11.35 -3.83 -17.20
CA ALA B 114 -9.92 -3.90 -17.45
C ALA B 114 -9.47 -5.28 -17.89
N GLY B 115 -10.06 -6.32 -17.31
CA GLY B 115 -9.63 -7.67 -17.60
C GLY B 115 -9.56 -7.96 -19.09
N PRO B 116 -10.63 -7.65 -19.85
CA PRO B 116 -10.60 -7.95 -21.28
C PRO B 116 -9.62 -7.11 -22.06
N ALA B 117 -9.11 -6.03 -21.47
CA ALA B 117 -8.18 -5.10 -22.07
C ALA B 117 -6.78 -5.22 -21.48
N LEU B 118 -6.56 -6.15 -20.55
CA LEU B 118 -5.36 -6.10 -19.73
C LEU B 118 -4.11 -6.22 -20.59
N GLY B 119 -3.12 -5.36 -20.34
CA GLY B 119 -1.90 -5.32 -21.11
C GLY B 119 -0.68 -5.44 -20.22
N TRP B 120 0.45 -5.32 -20.88
CA TRP B 120 1.74 -5.61 -20.28
C TRP B 120 2.00 -4.75 -19.06
N ARG B 121 2.18 -5.42 -17.94
CA ARG B 121 2.54 -4.77 -16.67
C ARG B 121 1.49 -3.79 -16.18
N ASP B 122 0.27 -3.89 -16.68
CA ASP B 122 -0.81 -3.08 -16.15
C ASP B 122 -1.16 -3.54 -14.74
N THR B 123 -1.56 -2.60 -13.89
CA THR B 123 -2.07 -2.93 -12.58
C THR B 123 -3.60 -2.94 -12.66
N TRP B 124 -4.22 -3.71 -11.75
CA TRP B 124 -5.64 -3.93 -11.84
C TRP B 124 -6.17 -4.43 -10.51
N ALA B 125 -7.23 -3.79 -10.03
CA ALA B 125 -7.92 -4.22 -8.83
C ALA B 125 -9.41 -4.26 -9.14
N PHE B 126 -10.09 -5.33 -8.72
CA PHE B 126 -11.50 -5.52 -9.06
C PHE B 126 -12.24 -6.13 -7.90
N VAL B 127 -13.46 -5.66 -7.63
CA VAL B 127 -14.34 -6.31 -6.66
C VAL B 127 -15.74 -6.34 -7.26
N GLY B 128 -16.34 -7.53 -7.39
CA GLY B 128 -17.66 -7.60 -8.00
C GLY B 128 -18.36 -8.87 -7.61
N ARG B 129 -19.68 -8.86 -7.65
CA ARG B 129 -20.46 -10.06 -7.43
C ARG B 129 -20.63 -10.81 -8.75
N LYS B 130 -20.46 -12.13 -8.73
CA LYS B 130 -20.70 -12.89 -9.95
C LYS B 130 -22.20 -12.84 -10.26
N GLY B 131 -22.54 -12.44 -11.49
CA GLY B 131 -23.90 -12.15 -11.90
C GLY B 131 -24.25 -10.68 -11.77
N GLY B 132 -23.37 -9.92 -11.13
CA GLY B 132 -23.53 -8.47 -10.98
C GLY B 132 -24.04 -8.09 -9.62
N PRO B 133 -23.76 -6.86 -9.20
CA PRO B 133 -23.02 -5.82 -9.90
C PRO B 133 -21.53 -5.85 -9.60
N VAL B 134 -20.78 -5.05 -10.35
CA VAL B 134 -19.44 -4.69 -9.97
C VAL B 134 -19.50 -3.73 -8.81
N PHE B 135 -18.64 -3.89 -7.82
CA PHE B 135 -18.56 -2.93 -6.72
C PHE B 135 -17.50 -1.88 -6.96
N GLY B 136 -16.36 -2.23 -7.53
CA GLY B 136 -15.37 -1.24 -7.87
C GLY B 136 -14.31 -1.86 -8.75
N GLU B 137 -13.57 -0.99 -9.43
CA GLU B 137 -12.51 -1.45 -10.30
C GLU B 137 -11.54 -0.31 -10.56
N LYS B 138 -10.26 -0.62 -10.56
CA LYS B 138 -9.23 0.33 -10.91
C LYS B 138 -8.23 -0.33 -11.82
N HIS B 139 -7.62 0.46 -12.70
CA HIS B 139 -6.71 -0.10 -13.70
C HIS B 139 -5.75 1.00 -14.10
N SER B 140 -4.47 0.67 -14.20
CA SER B 140 -3.50 1.62 -14.73
C SER B 140 -2.66 0.95 -15.79
N LYS B 141 -2.65 1.54 -16.98
CA LYS B 141 -1.85 1.03 -18.06
C LYS B 141 -0.41 1.39 -17.85
N SER B 142 0.47 0.42 -18.08
CA SER B 142 1.89 0.73 -18.08
C SER B 142 2.19 1.77 -19.16
N PRO B 143 3.00 2.79 -18.87
CA PRO B 143 3.36 3.80 -19.88
C PRO B 143 4.50 3.39 -20.78
N ALA B 144 5.22 2.30 -20.49
CA ALA B 144 6.42 1.94 -21.23
C ALA B 144 6.76 0.48 -20.97
N LEU B 145 7.50 -0.11 -21.92
CA LEU B 145 7.84 -1.53 -21.82
C LEU B 145 8.61 -1.83 -20.53
N SER B 146 9.45 -0.90 -20.09
CA SER B 146 10.27 -1.08 -18.90
C SER B 146 9.65 -0.48 -17.65
N SER B 147 8.39 -0.05 -17.73
CA SER B 147 7.66 0.48 -16.59
C SER B 147 6.45 -0.40 -16.30
N TRP B 148 5.86 -0.16 -15.14
CA TRP B 148 4.65 -0.79 -14.69
C TRP B 148 3.52 0.22 -14.63
N GLY B 149 2.29 -0.27 -14.68
CA GLY B 149 1.20 0.60 -14.30
C GLY B 149 1.45 1.27 -12.96
N ASP B 150 0.80 2.40 -12.73
CA ASP B 150 0.86 2.98 -11.40
C ASP B 150 0.20 2.06 -10.38
N PRO B 151 0.65 2.06 -9.14
CA PRO B 151 -0.08 1.34 -8.11
C PRO B 151 -1.51 1.85 -8.07
N VAL B 152 -2.45 0.96 -7.84
CA VAL B 152 -3.86 1.36 -7.67
C VAL B 152 -4.37 0.81 -6.35
N LEU B 153 -5.15 1.63 -5.66
CA LEU B 153 -5.76 1.20 -4.40
C LEU B 153 -7.26 1.43 -4.52
N LEU B 154 -8.00 0.34 -4.54
CA LEU B 154 -9.44 0.39 -4.67
C LEU B 154 -10.03 0.22 -3.28
N LYS B 155 -10.93 1.10 -2.90
CA LYS B 155 -11.65 0.94 -1.64
C LYS B 155 -13.13 0.95 -1.98
N THR B 156 -13.86 -0.09 -1.57
CA THR B 156 -15.27 -0.12 -1.90
C THR B 156 -16.07 -0.76 -0.78
N ASP B 157 -17.33 -0.40 -0.72
CA ASP B 157 -18.25 -1.05 0.20
C ASP B 157 -18.94 -2.20 -0.50
N VAL B 158 -19.08 -3.31 0.20
CA VAL B 158 -19.82 -4.46 -0.36
C VAL B 158 -20.95 -4.83 0.58
N PRO B 159 -22.21 -4.67 0.19
CA PRO B 159 -23.30 -5.07 1.07
C PRO B 159 -23.38 -6.58 1.16
N LEU B 160 -23.66 -7.08 2.37
CA LEU B 160 -23.89 -8.49 2.57
C LEU B 160 -25.23 -8.90 1.98
N SER B 161 -25.30 -10.11 1.44
CA SER B 161 -26.53 -10.58 0.77
C SER B 161 -26.84 -12.01 1.14
C1 6ZC C . 23.80 12.82 22.15
C2 6ZC C . 23.95 14.18 21.47
C3 6ZC C . 22.57 14.76 21.11
C4 6ZC C . 21.76 13.74 20.29
C5 6ZC C . 21.66 12.41 21.04
C6 6ZC C . 20.96 11.29 20.29
N2 6ZC C . 24.73 15.08 22.32
O1 6ZC C . 23.23 12.96 23.44
O4 6ZC C . 20.42 14.19 20.11
O5 6ZC C . 22.98 11.94 21.35
O6 6ZC C . 21.70 10.97 19.10
O7 6ZC C . 26.70 14.60 21.32
O1' 6ZC C . 25.84 9.18 27.60
N1' 6ZC C . 24.64 9.04 26.94
O2' 6ZC C . 23.83 7.91 27.06
C4' 6ZC C . 24.27 10.05 26.08
C3' 6ZC C . 24.10 11.33 26.56
C2' 6ZC C . 23.74 12.32 25.66
C5' 6ZC C . 24.11 9.70 24.76
C6' 6ZC C . 23.76 10.69 23.88
C1' 6ZC C . 23.58 11.98 24.33
C7 6ZC C . 26.06 15.22 22.15
C8 6ZC C . 26.75 16.19 23.06
O3 6ZC C . 22.77 15.95 20.35
C1 6ZC D . 10.78 -9.61 -16.96
C2 6ZC D . 11.37 -9.98 -15.60
C3 6ZC D . 10.43 -10.83 -14.77
C4 6ZC D . 9.05 -10.19 -14.69
C5 6ZC D . 8.54 -9.97 -16.12
C6 6ZC D . 7.17 -9.31 -16.16
N2 6ZC D . 12.62 -10.68 -15.81
O1 6ZC D . 10.86 -10.76 -17.78
O4 6ZC D . 8.16 -11.03 -13.95
O5 6ZC D . 9.43 -9.14 -16.87
O6 6ZC D . 7.23 -8.02 -15.55
O7 6ZC D . 14.84 -10.69 -15.92
O1' 6ZC D . 9.39 -9.37 -23.81
N1' 6ZC D . 9.89 -10.52 -23.19
O2' 6ZC D . 10.11 -11.68 -23.93
C4' 6ZC D . 10.14 -10.55 -21.82
C3' 6ZC D . 10.04 -9.40 -21.06
C2' 6ZC D . 10.29 -9.47 -19.70
C5' 6ZC D . 10.48 -11.76 -21.25
C6' 6ZC D . 10.73 -11.83 -19.89
C1' 6ZC D . 10.62 -10.68 -19.12
C7 6ZC D . 13.81 -10.12 -15.62
C8 6ZC D . 13.81 -8.74 -15.02
O3 6ZC D . 10.94 -10.98 -13.44
#